data_2NYR
#
_entry.id   2NYR
#
_cell.length_a   41.200
_cell.length_b   116.205
_cell.length_c   55.993
_cell.angle_alpha   90.00
_cell.angle_beta   90.46
_cell.angle_gamma   90.00
#
_symmetry.space_group_name_H-M   'P 1 21 1'
#
loop_
_entity.id
_entity.type
_entity.pdbx_description
1 polymer 'NAD-dependent deacetylase sirtuin-5'
2 non-polymer 'ZINC ION'
3 non-polymer "8,8'-[CARBONYLBIS[IMINO-3,1-PHENYLENECARBONYLIMINO(4-METHYL-3,1-PHENYLENE)CARBONYLIMINO]]BIS-1,3,5-NAPHTHALENETRISULFON IC ACID"
4 water water
#
_entity_poly.entity_id   1
_entity_poly.type   'polypeptide(L)'
_entity_poly.pdbx_seq_one_letter_code
;GSARPSSSMADFRKFFAKAKHIVIISGAGVSAESGVPTFRGAGGYWRKWQAQDLATPLAFAHNPSRVWEFYHYRREVMGS
KEPNAGHRAIAECETRLGKQGRRVVVITQNIDELHRKAGTKNLLEIHGSLFKTRCTSCGVVAENYKSPICPALSGKGAPE
PGTQDASIPVEKLPRCEEAGCGGLLRPHVVWFGENLDPAILEEVDRELAHCDLCLVVGTSSVVYPAAMFAPQVAARGVPV
AEFNTETTPATNRFRFHFQGPCGTTLPEALA
;
_entity_poly.pdbx_strand_id   A,B
#
loop_
_chem_comp.id
_chem_comp.type
_chem_comp.name
_chem_comp.formula
SVR non-polymer '8,8'-[CARBONYLBIS[IMINO-3,1-PHENYLENECARBONYLIMINO(4-METHYL-3,1-PHENYLENE)CARBONYLIMINO]]BIS-1,3,5-NAPHTHALENETRISULFON IC ACID' 'C51 H40 N6 O23 S6'
ZN non-polymer 'ZINC ION' 'Zn 2'
#
# COMPACT_ATOMS: atom_id res chain seq x y z
N PRO A 5 -13.72 -1.52 19.32
CA PRO A 5 -14.37 -0.50 18.50
C PRO A 5 -15.82 -0.23 18.96
N SER A 6 -16.06 0.98 19.46
CA SER A 6 -17.37 1.37 19.98
C SER A 6 -18.40 1.56 18.86
N SER A 7 -19.64 1.22 19.16
CA SER A 7 -20.77 1.45 18.26
C SER A 7 -21.67 2.56 18.80
N SER A 8 -21.14 3.41 19.66
CA SER A 8 -21.94 4.48 20.25
C SER A 8 -22.01 5.68 19.32
N MET A 9 -23.21 5.91 18.77
CA MET A 9 -23.45 7.04 17.89
C MET A 9 -23.36 8.35 18.68
N ALA A 10 -23.88 8.36 19.90
CA ALA A 10 -23.81 9.53 20.79
C ALA A 10 -22.36 9.93 21.11
N ASP A 11 -21.51 8.94 21.35
CA ASP A 11 -20.09 9.19 21.60
C ASP A 11 -19.36 9.67 20.34
N PHE A 12 -19.73 9.14 19.17
CA PHE A 12 -19.19 9.61 17.90
C PHE A 12 -19.61 11.05 17.60
N ARG A 13 -20.91 11.33 17.78
CA ARG A 13 -21.48 12.66 17.55
C ARG A 13 -20.85 13.77 18.43
N LYS A 14 -20.21 13.38 19.52
CA LYS A 14 -19.56 14.36 20.41
C LYS A 14 -18.22 14.83 19.84
N PHE A 15 -17.47 13.90 19.23
CA PHE A 15 -16.23 14.22 18.52
C PHE A 15 -16.56 14.96 17.24
N PHE A 16 -17.59 14.48 16.53
CA PHE A 16 -18.02 15.09 15.28
C PHE A 16 -18.39 16.56 15.46
N ALA A 17 -19.04 16.88 16.57
CA ALA A 17 -19.45 18.26 16.87
C ALA A 17 -18.26 19.21 17.00
N LYS A 18 -17.16 18.68 17.52
CA LYS A 18 -15.97 19.47 17.84
C LYS A 18 -14.86 19.38 16.80
N ALA A 19 -14.96 18.41 15.89
CA ALA A 19 -13.94 18.16 14.87
C ALA A 19 -13.84 19.29 13.84
N LYS A 20 -12.62 19.80 13.65
CA LYS A 20 -12.39 20.94 12.76
C LYS A 20 -11.88 20.49 11.38
N HIS A 21 -11.28 19.31 11.33
CA HIS A 21 -10.66 18.80 10.12
C HIS A 21 -10.94 17.31 10.00
N ILE A 22 -11.96 16.97 9.20
CA ILE A 22 -12.38 15.59 9.02
C ILE A 22 -11.90 15.01 7.69
N VAL A 23 -11.21 13.87 7.78
CA VAL A 23 -10.80 13.11 6.60
C VAL A 23 -11.70 11.90 6.43
N ILE A 24 -12.40 11.85 5.30
CA ILE A 24 -13.26 10.72 4.99
C ILE A 24 -12.61 9.86 3.91
N ILE A 25 -12.25 8.63 4.27
CA ILE A 25 -11.68 7.69 3.31
C ILE A 25 -12.80 6.83 2.77
N SER A 26 -13.02 6.92 1.46
CA SER A 26 -14.21 6.36 0.84
C SER A 26 -13.89 5.18 -0.07
N GLY A 27 -14.40 4.01 0.31
CA GLY A 27 -14.17 2.79 -0.47
C GLY A 27 -15.30 2.45 -1.41
N ALA A 28 -15.17 1.27 -2.03
CA ALA A 28 -16.07 0.80 -3.09
C ALA A 28 -17.51 0.54 -2.64
N GLY A 29 -17.69 0.25 -1.34
CA GLY A 29 -19.02 0.12 -0.73
C GLY A 29 -19.92 1.32 -0.98
N VAL A 30 -19.33 2.52 -0.99
CA VAL A 30 -20.10 3.73 -1.25
C VAL A 30 -20.62 3.74 -2.71
N SER A 31 -19.74 3.42 -3.65
CA SER A 31 -20.10 3.32 -5.06
C SER A 31 -21.11 2.19 -5.35
N ALA A 32 -20.91 1.04 -4.71
CA ALA A 32 -21.79 -0.12 -4.88
C ALA A 32 -23.24 0.16 -4.47
N GLU A 33 -23.42 1.01 -3.45
CA GLU A 33 -24.74 1.43 -3.00
C GLU A 33 -25.49 2.31 -4.02
N SER A 34 -24.79 2.69 -5.09
CA SER A 34 -25.40 3.41 -6.23
C SER A 34 -25.60 2.50 -7.44
N GLY A 35 -25.30 1.22 -7.30
CA GLY A 35 -25.52 0.27 -8.39
C GLY A 35 -24.29 0.06 -9.26
N VAL A 36 -23.20 0.75 -8.93
CA VAL A 36 -21.90 0.49 -9.57
C VAL A 36 -21.50 -0.96 -9.32
N PRO A 37 -21.29 -1.75 -10.40
CA PRO A 37 -20.85 -3.13 -10.18
C PRO A 37 -19.37 -3.15 -9.79
N THR A 38 -19.10 -3.59 -8.56
CA THR A 38 -17.75 -3.58 -8.00
C THR A 38 -16.87 -4.57 -8.75
N PHE A 39 -15.82 -4.05 -9.39
CA PHE A 39 -14.92 -4.89 -10.18
C PHE A 39 -13.83 -5.55 -9.34
N ARG A 40 -14.27 -6.27 -8.30
CA ARG A 40 -13.36 -7.03 -7.43
C ARG A 40 -14.02 -8.34 -7.03
N GLY A 41 -13.20 -9.33 -6.68
CA GLY A 41 -13.67 -10.68 -6.33
C GLY A 41 -14.46 -11.31 -7.46
N ALA A 42 -15.63 -11.85 -7.10
CA ALA A 42 -16.54 -12.50 -8.05
C ALA A 42 -17.05 -11.55 -9.13
N GLY A 43 -16.98 -10.25 -8.87
CA GLY A 43 -17.42 -9.24 -9.82
C GLY A 43 -16.31 -8.74 -10.73
N GLY A 44 -15.07 -9.13 -10.43
CA GLY A 44 -13.90 -8.67 -11.18
C GLY A 44 -13.69 -9.44 -12.47
N TYR A 45 -14.74 -9.52 -13.29
CA TYR A 45 -14.73 -10.30 -14.53
C TYR A 45 -15.48 -9.60 -15.65
N TRP A 46 -14.86 -9.62 -16.83
CA TRP A 46 -15.42 -9.07 -18.06
C TRP A 46 -14.98 -9.99 -19.18
N ARG A 47 -15.96 -10.58 -19.86
CA ARG A 47 -15.72 -11.66 -20.82
C ARG A 47 -14.84 -12.74 -20.16
N LYS A 48 -13.69 -13.04 -20.76
CA LYS A 48 -12.82 -14.11 -20.27
C LYS A 48 -11.78 -13.65 -19.23
N TRP A 49 -11.79 -12.37 -18.88
CA TRP A 49 -10.65 -11.75 -18.21
C TRP A 49 -10.92 -11.15 -16.82
N GLN A 50 -9.87 -11.06 -16.02
CA GLN A 50 -9.86 -10.36 -14.74
C GLN A 50 -9.22 -8.99 -14.90
N ALA A 51 -9.28 -8.18 -13.83
CA ALA A 51 -8.69 -6.84 -13.81
C ALA A 51 -7.22 -6.83 -14.19
N GLN A 52 -6.48 -7.82 -13.69
CA GLN A 52 -5.03 -7.91 -13.95
C GLN A 52 -4.70 -8.30 -15.40
N ASP A 53 -5.71 -8.67 -16.17
CA ASP A 53 -5.55 -8.92 -17.60
C ASP A 53 -5.88 -7.66 -18.39
N LEU A 54 -6.66 -6.78 -17.78
CA LEU A 54 -7.20 -5.60 -18.47
C LEU A 54 -6.58 -4.28 -18.01
N ALA A 55 -6.54 -4.08 -16.70
CA ALA A 55 -6.11 -2.82 -16.11
C ALA A 55 -4.60 -2.79 -15.86
N THR A 56 -3.82 -2.87 -16.93
CA THR A 56 -2.36 -2.85 -16.85
C THR A 56 -1.77 -2.15 -18.08
N PRO A 57 -0.64 -1.44 -17.92
CA PRO A 57 -0.01 -0.78 -19.06
C PRO A 57 0.45 -1.76 -20.13
N LEU A 58 0.79 -2.99 -19.72
CA LEU A 58 1.19 -4.06 -20.63
C LEU A 58 -0.01 -4.56 -21.46
N ALA A 59 -1.16 -4.73 -20.80
CA ALA A 59 -2.40 -5.06 -21.50
C ALA A 59 -2.73 -4.03 -22.57
N PHE A 60 -2.63 -2.74 -22.21
CA PHE A 60 -2.92 -1.64 -23.13
C PHE A 60 -1.95 -1.60 -24.31
N ALA A 61 -0.69 -1.94 -24.06
CA ALA A 61 0.32 -2.03 -25.13
C ALA A 61 -0.03 -3.10 -26.17
N HIS A 62 -0.35 -4.31 -25.69
CA HIS A 62 -0.60 -5.46 -26.56
C HIS A 62 -1.93 -5.38 -27.31
N ASN A 63 -2.96 -4.87 -26.64
CA ASN A 63 -4.30 -4.84 -27.19
C ASN A 63 -5.09 -3.66 -26.61
N PRO A 64 -4.80 -2.44 -27.11
CA PRO A 64 -5.50 -1.24 -26.62
C PRO A 64 -7.00 -1.24 -26.97
N SER A 65 -7.36 -1.91 -28.06
CA SER A 65 -8.76 -2.03 -28.47
C SER A 65 -9.59 -2.78 -27.44
N ARG A 66 -9.02 -3.86 -26.90
CA ARG A 66 -9.69 -4.66 -25.90
C ARG A 66 -9.82 -3.93 -24.57
N VAL A 67 -8.74 -3.28 -24.15
CA VAL A 67 -8.71 -2.44 -22.95
C VAL A 67 -9.70 -1.28 -23.06
N TRP A 68 -9.78 -0.66 -24.24
CA TRP A 68 -10.75 0.43 -24.49
C TRP A 68 -12.20 -0.05 -24.56
N GLU A 69 -12.40 -1.25 -25.10
CA GLU A 69 -13.71 -1.92 -25.08
C GLU A 69 -14.24 -2.09 -23.66
N PHE A 70 -13.36 -2.54 -22.77
CA PHE A 70 -13.69 -2.72 -21.36
C PHE A 70 -13.96 -1.41 -20.62
N TYR A 71 -13.12 -0.41 -20.85
CA TYR A 71 -13.31 0.88 -20.20
C TYR A 71 -14.48 1.67 -20.76
N HIS A 72 -14.82 1.43 -22.03
CA HIS A 72 -16.06 1.95 -22.62
C HIS A 72 -17.28 1.33 -21.93
N TYR A 73 -17.24 0.02 -21.73
CA TYR A 73 -18.25 -0.68 -20.95
C TYR A 73 -18.39 -0.08 -19.54
N ARG A 74 -17.27 0.00 -18.84
CA ARG A 74 -17.22 0.63 -17.52
C ARG A 74 -17.80 2.04 -17.52
N ARG A 75 -17.42 2.86 -18.50
CA ARG A 75 -17.96 4.23 -18.60
C ARG A 75 -19.47 4.22 -18.84
N GLU A 76 -19.92 3.31 -19.70
CA GLU A 76 -21.34 3.19 -20.04
C GLU A 76 -22.19 2.81 -18.84
N VAL A 77 -21.73 1.85 -18.04
CA VAL A 77 -22.48 1.44 -16.85
C VAL A 77 -22.43 2.49 -15.73
N MET A 78 -21.31 3.23 -15.68
CA MET A 78 -21.09 4.25 -14.64
C MET A 78 -21.87 5.55 -14.83
N GLY A 79 -22.03 5.96 -16.09
CA GLY A 79 -22.62 7.26 -16.42
C GLY A 79 -24.13 7.30 -16.26
N SER A 80 -24.74 6.15 -15.97
CA SER A 80 -26.18 6.04 -15.74
C SER A 80 -26.52 6.02 -14.25
N LYS A 81 -25.48 6.07 -13.40
CA LYS A 81 -25.61 5.94 -11.94
C LYS A 81 -25.73 7.29 -11.23
N GLU A 82 -26.27 7.27 -10.01
CA GLU A 82 -26.55 8.49 -9.28
C GLU A 82 -26.02 8.44 -7.86
N PRO A 83 -25.55 9.58 -7.33
CA PRO A 83 -25.14 9.65 -5.93
C PRO A 83 -26.24 9.13 -5.00
N ASN A 84 -25.86 8.36 -3.99
CA ASN A 84 -26.81 7.85 -3.02
C ASN A 84 -26.81 8.73 -1.78
N ALA A 85 -27.66 8.38 -0.81
CA ALA A 85 -27.78 9.11 0.45
C ALA A 85 -26.45 9.34 1.17
N GLY A 86 -25.55 8.36 1.07
CA GLY A 86 -24.21 8.45 1.66
C GLY A 86 -23.37 9.54 0.99
N HIS A 87 -23.31 9.50 -0.34
CA HIS A 87 -22.67 10.56 -1.12
C HIS A 87 -23.24 11.92 -0.75
N ARG A 88 -24.56 12.00 -0.61
CA ARG A 88 -25.24 13.27 -0.30
C ARG A 88 -24.91 13.79 1.10
N ALA A 89 -24.94 12.90 2.10
CA ALA A 89 -24.60 13.28 3.47
C ALA A 89 -23.17 13.82 3.57
N ILE A 90 -22.26 13.16 2.84
CA ILE A 90 -20.85 13.50 2.79
C ILE A 90 -20.63 14.90 2.21
N ALA A 91 -21.26 15.17 1.06
CA ALA A 91 -21.22 16.48 0.43
C ALA A 91 -21.85 17.59 1.29
N GLU A 92 -23.02 17.30 1.87
CA GLU A 92 -23.76 18.29 2.65
C GLU A 92 -23.02 18.66 3.93
N CYS A 93 -22.28 17.70 4.47
CA CYS A 93 -21.45 17.91 5.64
C CYS A 93 -20.27 18.83 5.30
N GLU A 94 -19.58 18.54 4.19
CA GLU A 94 -18.50 19.40 3.69
C GLU A 94 -18.96 20.86 3.46
N THR A 95 -20.08 21.02 2.78
CA THR A 95 -20.67 22.35 2.55
C THR A 95 -20.99 23.04 3.88
N ARG A 96 -21.74 22.36 4.74
CA ARG A 96 -22.15 22.90 6.03
C ARG A 96 -20.97 23.30 6.91
N LEU A 97 -20.03 22.37 7.08
CA LEU A 97 -18.86 22.61 7.93
C LEU A 97 -17.94 23.69 7.39
N GLY A 98 -17.87 23.80 6.07
CA GLY A 98 -17.03 24.79 5.38
C GLY A 98 -17.44 26.23 5.64
N LYS A 99 -18.75 26.45 5.84
CA LYS A 99 -19.28 27.78 6.17
C LYS A 99 -18.89 28.22 7.57
N GLN A 100 -18.45 27.26 8.39
CA GLN A 100 -18.00 27.52 9.76
C GLN A 100 -16.47 27.54 9.87
N GLY A 101 -15.79 27.41 8.74
CA GLY A 101 -14.34 27.33 8.72
C GLY A 101 -13.78 25.96 9.12
N ARG A 102 -14.65 24.95 9.12
CA ARG A 102 -14.23 23.58 9.42
C ARG A 102 -14.10 22.73 8.15
N ARG A 103 -13.11 21.84 8.13
CA ARG A 103 -12.68 21.20 6.90
C ARG A 103 -13.11 19.73 6.77
N VAL A 104 -13.55 19.38 5.56
CA VAL A 104 -13.86 17.99 5.22
C VAL A 104 -13.20 17.69 3.88
N VAL A 105 -12.43 16.60 3.85
CA VAL A 105 -11.80 16.12 2.62
C VAL A 105 -12.24 14.67 2.38
N VAL A 106 -12.46 14.33 1.12
CA VAL A 106 -12.78 12.94 0.75
C VAL A 106 -11.65 12.34 -0.06
N ILE A 107 -11.15 11.20 0.41
CA ILE A 107 -10.18 10.42 -0.34
C ILE A 107 -10.91 9.19 -0.84
N THR A 108 -11.05 9.07 -2.16
CA THR A 108 -11.81 7.96 -2.74
C THR A 108 -10.98 7.03 -3.62
N GLN A 109 -11.23 5.73 -3.49
CA GLN A 109 -10.65 4.74 -4.41
C GLN A 109 -11.44 4.66 -5.72
N ASN A 110 -12.60 5.31 -5.75
CA ASN A 110 -13.52 5.14 -6.87
C ASN A 110 -13.35 6.13 -8.01
N ILE A 111 -13.75 5.71 -9.20
CA ILE A 111 -13.38 6.38 -10.44
C ILE A 111 -14.62 6.80 -11.25
N ASP A 112 -15.77 6.77 -10.58
CA ASP A 112 -17.08 7.07 -11.19
C ASP A 112 -17.56 8.51 -11.02
N GLU A 113 -16.82 9.29 -10.22
CA GLU A 113 -17.14 10.70 -9.95
C GLU A 113 -18.46 10.95 -9.20
N LEU A 114 -18.99 9.93 -8.52
CA LEU A 114 -20.26 10.07 -7.79
C LEU A 114 -20.19 11.06 -6.61
N HIS A 115 -19.03 11.13 -5.95
CA HIS A 115 -18.76 12.14 -4.92
C HIS A 115 -18.78 13.56 -5.50
N ARG A 116 -18.17 13.72 -6.66
CA ARG A 116 -18.21 15.00 -7.39
C ARG A 116 -19.65 15.40 -7.77
N LYS A 117 -20.41 14.45 -8.32
CA LYS A 117 -21.82 14.72 -8.70
C LYS A 117 -22.75 15.07 -7.52
N ALA A 118 -22.41 14.54 -6.34
CA ALA A 118 -23.14 14.81 -5.11
C ALA A 118 -22.83 16.21 -4.53
N GLY A 119 -21.69 16.78 -4.92
CA GLY A 119 -21.31 18.11 -4.47
C GLY A 119 -20.02 18.20 -3.67
N THR A 120 -19.31 17.08 -3.55
CA THR A 120 -18.02 17.07 -2.86
C THR A 120 -17.00 17.90 -3.66
N LYS A 121 -16.32 18.82 -2.98
CA LYS A 121 -15.34 19.69 -3.62
C LYS A 121 -13.89 19.38 -3.20
N ASN A 122 -13.67 19.13 -1.91
CA ASN A 122 -12.37 18.66 -1.44
C ASN A 122 -12.26 17.15 -1.69
N LEU A 123 -11.89 16.80 -2.92
CA LEU A 123 -11.93 15.42 -3.39
C LEU A 123 -10.57 14.97 -3.93
N LEU A 124 -10.06 13.88 -3.34
CA LEU A 124 -8.79 13.29 -3.77
C LEU A 124 -9.05 11.91 -4.38
N GLU A 125 -8.87 11.84 -5.70
CA GLU A 125 -9.16 10.64 -6.48
C GLU A 125 -7.87 9.87 -6.76
N ILE A 126 -7.51 8.97 -5.83
CA ILE A 126 -6.23 8.27 -5.90
C ILE A 126 -6.06 7.31 -7.09
N HIS A 127 -7.17 6.85 -7.67
CA HIS A 127 -7.13 5.96 -8.83
C HIS A 127 -7.54 6.69 -10.12
N GLY A 128 -7.72 8.00 -10.00
CA GLY A 128 -8.10 8.83 -11.14
C GLY A 128 -9.61 8.78 -11.39
N SER A 129 -9.97 8.76 -12.67
CA SER A 129 -11.37 8.82 -13.12
C SER A 129 -11.51 8.23 -14.52
N LEU A 130 -12.57 7.47 -14.75
CA LEU A 130 -12.76 6.90 -16.06
C LEU A 130 -13.46 7.89 -17.01
N PHE A 131 -13.83 9.05 -16.46
CA PHE A 131 -14.32 10.19 -17.25
C PHE A 131 -13.23 11.25 -17.44
N LYS A 132 -11.99 10.78 -17.29
CA LYS A 132 -10.82 11.53 -17.73
C LYS A 132 -9.96 10.64 -18.60
N THR A 133 -9.32 11.25 -19.60
CA THR A 133 -8.39 10.55 -20.48
C THR A 133 -6.99 11.11 -20.26
N ARG A 134 -5.98 10.29 -20.55
CA ARG A 134 -4.60 10.77 -20.64
C ARG A 134 -4.02 10.43 -22.01
N CYS A 135 -3.36 11.41 -22.62
CA CYS A 135 -2.72 11.20 -23.90
C CYS A 135 -1.35 10.55 -23.72
N THR A 136 -1.16 9.40 -24.37
CA THR A 136 0.11 8.64 -24.29
C THR A 136 1.25 9.31 -25.07
N SER A 137 0.92 10.36 -25.83
CA SER A 137 1.92 11.12 -26.57
C SER A 137 2.33 12.42 -25.86
N CYS A 138 1.35 13.27 -25.60
CA CYS A 138 1.62 14.61 -25.06
C CYS A 138 1.46 14.69 -23.54
N GLY A 139 0.73 13.74 -22.97
CA GLY A 139 0.57 13.66 -21.53
C GLY A 139 -0.56 14.50 -20.97
N VAL A 140 -1.35 15.13 -21.85
CA VAL A 140 -2.45 15.98 -21.41
C VAL A 140 -3.60 15.15 -20.80
N VAL A 141 -4.03 15.55 -19.62
CA VAL A 141 -5.18 14.93 -18.96
C VAL A 141 -6.42 15.77 -19.26
N ALA A 142 -7.43 15.13 -19.83
CA ALA A 142 -8.64 15.82 -20.29
C ALA A 142 -9.91 15.16 -19.74
N GLU A 143 -10.96 15.95 -19.57
CA GLU A 143 -12.27 15.44 -19.15
C GLU A 143 -12.97 14.85 -20.36
N ASN A 144 -13.55 13.67 -20.20
CA ASN A 144 -14.30 13.05 -21.29
C ASN A 144 -15.51 12.29 -20.78
N TYR A 145 -16.69 12.84 -21.03
CA TYR A 145 -17.94 12.22 -20.60
C TYR A 145 -18.77 11.72 -21.79
N LYS A 146 -18.18 11.83 -22.98
CA LYS A 146 -18.85 11.51 -24.24
C LYS A 146 -19.28 10.03 -24.39
N SER A 147 -20.53 9.84 -24.78
CA SER A 147 -21.07 8.52 -25.02
C SER A 147 -21.51 8.39 -26.47
N PRO A 148 -20.78 7.60 -27.28
CA PRO A 148 -19.55 6.88 -26.89
C PRO A 148 -18.31 7.76 -27.01
N ILE A 149 -17.24 7.39 -26.31
CA ILE A 149 -16.01 8.19 -26.32
C ILE A 149 -15.44 8.38 -27.74
N CYS A 150 -15.61 7.37 -28.59
CA CYS A 150 -15.30 7.47 -30.02
C CYS A 150 -16.31 6.66 -30.84
N PRO A 151 -16.55 7.04 -32.10
CA PRO A 151 -17.60 6.37 -32.90
C PRO A 151 -17.38 4.86 -33.09
N ALA A 152 -16.11 4.45 -33.21
CA ALA A 152 -15.73 3.04 -33.35
C ALA A 152 -16.19 2.15 -32.19
N LEU A 153 -16.32 2.74 -31.01
CA LEU A 153 -16.81 2.01 -29.82
C LEU A 153 -18.32 2.01 -29.63
N SER A 154 -19.04 2.72 -30.48
CA SER A 154 -20.51 2.68 -30.49
C SER A 154 -21.04 1.24 -30.55
N GLY A 155 -21.83 0.86 -29.56
CA GLY A 155 -22.37 -0.50 -29.46
C GLY A 155 -21.40 -1.59 -29.03
N LYS A 156 -20.21 -1.20 -28.59
CA LYS A 156 -19.17 -2.18 -28.19
C LYS A 156 -19.09 -2.34 -26.67
N GLY A 157 -18.33 -3.32 -26.23
CA GLY A 157 -18.01 -3.49 -24.80
C GLY A 157 -18.88 -4.45 -24.02
N ALA A 158 -19.71 -5.23 -24.72
CA ALA A 158 -20.56 -6.24 -24.06
C ALA A 158 -19.71 -7.23 -23.23
N PRO A 159 -20.15 -7.53 -21.99
CA PRO A 159 -19.40 -8.32 -21.00
C PRO A 159 -19.43 -9.84 -21.18
N GLU A 160 -20.29 -10.34 -22.07
CA GLU A 160 -20.46 -11.78 -22.26
C GLU A 160 -19.22 -12.40 -22.90
N PRO A 161 -18.73 -13.53 -22.33
CA PRO A 161 -17.69 -14.27 -23.05
C PRO A 161 -18.25 -14.72 -24.40
N GLY A 162 -17.41 -14.77 -25.42
CA GLY A 162 -17.89 -15.12 -26.76
C GLY A 162 -18.29 -13.91 -27.59
N THR A 163 -18.48 -12.75 -26.93
CA THR A 163 -18.61 -11.49 -27.65
C THR A 163 -17.33 -11.30 -28.46
N GLN A 164 -17.49 -11.02 -29.76
CA GLN A 164 -16.33 -10.84 -30.63
C GLN A 164 -15.54 -9.61 -30.18
N ASP A 165 -14.22 -9.71 -30.27
CA ASP A 165 -13.34 -8.56 -30.09
C ASP A 165 -13.69 -7.53 -31.15
N ALA A 166 -13.77 -6.26 -30.76
CA ALA A 166 -14.05 -5.19 -31.71
C ALA A 166 -12.92 -5.03 -32.72
N SER A 167 -11.71 -5.37 -32.31
CA SER A 167 -10.49 -5.26 -33.13
C SER A 167 -10.44 -3.94 -33.91
N ILE A 168 -10.58 -2.83 -33.17
CA ILE A 168 -10.57 -1.49 -33.75
C ILE A 168 -9.11 -1.09 -33.90
N PRO A 169 -8.70 -0.73 -35.14
CA PRO A 169 -7.32 -0.27 -35.35
C PRO A 169 -7.01 0.93 -34.46
N VAL A 170 -5.76 1.03 -34.00
CA VAL A 170 -5.37 2.08 -33.05
C VAL A 170 -5.74 3.49 -33.49
N GLU A 171 -5.64 3.74 -34.79
CA GLU A 171 -6.00 5.01 -35.39
C GLU A 171 -7.47 5.38 -35.12
N LYS A 172 -8.33 4.37 -34.94
CA LYS A 172 -9.76 4.61 -34.73
C LYS A 172 -10.19 4.56 -33.27
N LEU A 173 -9.25 4.35 -32.36
CA LEU A 173 -9.52 4.42 -30.93
C LEU A 173 -9.48 5.91 -30.54
N PRO A 174 -9.87 6.25 -29.28
CA PRO A 174 -9.87 7.66 -28.87
C PRO A 174 -8.51 8.36 -29.04
N ARG A 175 -8.51 9.46 -29.78
CA ARG A 175 -7.27 10.19 -30.07
C ARG A 175 -7.28 11.57 -29.41
N CYS A 176 -6.08 12.08 -29.13
CA CYS A 176 -5.94 13.39 -28.53
C CYS A 176 -6.41 14.44 -29.51
N GLU A 177 -7.10 15.46 -29.00
CA GLU A 177 -7.61 16.55 -29.84
C GLU A 177 -6.84 17.84 -29.61
N GLU A 178 -5.73 17.77 -28.88
CA GLU A 178 -4.80 18.92 -28.83
C GLU A 178 -4.26 19.15 -30.24
N ALA A 179 -4.20 20.41 -30.66
CA ALA A 179 -3.77 20.76 -32.01
C ALA A 179 -2.36 20.24 -32.32
N GLY A 180 -2.28 19.41 -33.36
CA GLY A 180 -1.01 18.84 -33.79
C GLY A 180 -0.53 17.62 -33.04
N CYS A 181 -1.30 17.14 -32.07
CA CYS A 181 -0.93 15.92 -31.37
C CYS A 181 -1.47 14.66 -32.04
N GLY A 182 -2.72 14.31 -31.76
CA GLY A 182 -3.38 13.16 -32.37
C GLY A 182 -2.96 11.82 -31.76
N GLY A 183 -2.37 11.90 -30.57
CA GLY A 183 -1.88 10.72 -29.86
C GLY A 183 -2.99 9.80 -29.38
N LEU A 184 -2.61 8.58 -29.04
CA LEU A 184 -3.56 7.60 -28.55
C LEU A 184 -3.92 7.89 -27.10
N LEU A 185 -5.21 7.96 -26.81
CA LEU A 185 -5.66 8.19 -25.45
C LEU A 185 -5.77 6.89 -24.67
N ARG A 186 -5.48 6.97 -23.37
CA ARG A 186 -5.79 5.91 -22.43
C ARG A 186 -6.70 6.47 -21.34
N PRO A 187 -7.47 5.60 -20.66
CA PRO A 187 -8.19 6.02 -19.46
C PRO A 187 -7.25 6.65 -18.43
N HIS A 188 -7.66 7.76 -17.82
CA HIS A 188 -6.88 8.38 -16.74
C HIS A 188 -7.14 7.64 -15.42
N VAL A 189 -6.74 6.37 -15.40
CA VAL A 189 -6.98 5.47 -14.28
C VAL A 189 -5.64 4.82 -13.87
N VAL A 190 -5.43 4.69 -12.57
CA VAL A 190 -4.21 4.05 -12.05
C VAL A 190 -4.31 2.55 -12.24
N TRP A 191 -3.40 1.99 -13.04
CA TRP A 191 -3.39 0.56 -13.36
C TRP A 191 -2.35 -0.18 -12.52
N PHE A 192 -2.44 -1.51 -12.50
CA PHE A 192 -1.46 -2.35 -11.79
C PHE A 192 -0.04 -2.04 -12.27
N GLY A 193 0.89 -1.92 -11.32
CA GLY A 193 2.28 -1.64 -11.64
C GLY A 193 2.61 -0.16 -11.64
N GLU A 194 1.60 0.66 -11.87
CA GLU A 194 1.75 2.11 -11.91
C GLU A 194 1.56 2.69 -10.52
N ASN A 195 2.43 3.61 -10.14
CA ASN A 195 2.29 4.31 -8.87
C ASN A 195 1.13 5.32 -8.85
N LEU A 196 0.59 5.54 -7.67
CA LEU A 196 -0.33 6.63 -7.44
C LEU A 196 0.41 7.95 -7.62
N ASP A 197 -0.29 8.97 -8.14
CA ASP A 197 0.28 10.30 -8.38
C ASP A 197 0.95 10.87 -7.11
N PRO A 198 2.29 11.13 -7.16
CA PRO A 198 3.01 11.68 -6.00
C PRO A 198 2.41 12.97 -5.44
N ALA A 199 1.88 13.83 -6.31
CA ALA A 199 1.27 15.09 -5.87
C ALA A 199 0.02 14.85 -5.03
N ILE A 200 -0.77 13.84 -5.42
CA ILE A 200 -1.96 13.41 -4.69
C ILE A 200 -1.62 12.79 -3.33
N LEU A 201 -0.69 11.84 -3.31
CA LEU A 201 -0.21 11.24 -2.06
C LEU A 201 0.34 12.29 -1.10
N GLU A 202 1.03 13.29 -1.65
CA GLU A 202 1.53 14.45 -0.89
C GLU A 202 0.39 15.19 -0.20
N GLU A 203 -0.66 15.50 -0.95
CA GLU A 203 -1.85 16.14 -0.41
C GLU A 203 -2.55 15.25 0.61
N VAL A 204 -2.70 13.97 0.29
CA VAL A 204 -3.28 12.98 1.20
C VAL A 204 -2.56 12.96 2.54
N ASP A 205 -1.23 12.82 2.50
CA ASP A 205 -0.42 12.76 3.72
C ASP A 205 -0.52 14.03 4.56
N ARG A 206 -0.65 15.17 3.91
CA ARG A 206 -0.83 16.43 4.63
C ARG A 206 -2.16 16.45 5.39
N GLU A 207 -3.22 15.97 4.75
CA GLU A 207 -4.55 15.90 5.37
C GLU A 207 -4.58 14.98 6.58
N LEU A 208 -3.96 13.82 6.44
CA LEU A 208 -3.88 12.83 7.52
C LEU A 208 -3.07 13.39 8.71
N ALA A 209 -2.02 14.15 8.41
CA ALA A 209 -1.20 14.78 9.45
C ALA A 209 -1.95 15.84 10.27
N HIS A 210 -2.92 16.50 9.63
CA HIS A 210 -3.64 17.64 10.25
C HIS A 210 -5.04 17.32 10.77
N CYS A 211 -5.64 16.22 10.31
CA CYS A 211 -7.01 15.88 10.68
C CYS A 211 -7.14 15.61 12.19
N ASP A 212 -8.29 15.92 12.75
CA ASP A 212 -8.59 15.60 14.15
C ASP A 212 -9.71 14.55 14.26
N LEU A 213 -10.20 14.09 13.11
CA LEU A 213 -11.17 12.99 13.03
C LEU A 213 -11.06 12.31 11.68
N CYS A 214 -11.09 10.98 11.70
CA CYS A 214 -11.01 10.20 10.47
C CYS A 214 -12.17 9.23 10.32
N LEU A 215 -12.78 9.23 9.14
CA LEU A 215 -13.84 8.30 8.80
C LEU A 215 -13.41 7.36 7.68
N VAL A 216 -13.70 6.08 7.85
CA VAL A 216 -13.49 5.08 6.81
C VAL A 216 -14.89 4.57 6.43
N VAL A 217 -15.28 4.77 5.17
CA VAL A 217 -16.67 4.47 4.76
C VAL A 217 -16.75 3.54 3.54
N GLY A 218 -17.58 2.51 3.63
CA GLY A 218 -17.77 1.55 2.53
C GLY A 218 -16.58 0.64 2.31
N THR A 219 -15.73 0.56 3.33
CA THR A 219 -14.55 -0.30 3.31
C THR A 219 -14.06 -0.48 4.76
N SER A 220 -12.97 -1.22 4.94
CA SER A 220 -12.36 -1.37 6.25
C SER A 220 -10.91 -0.87 6.21
N SER A 221 -10.36 -0.54 7.38
CA SER A 221 -8.98 -0.04 7.47
C SER A 221 -7.91 -1.13 7.44
N VAL A 222 -8.30 -2.39 7.27
CA VAL A 222 -7.33 -3.50 7.17
C VAL A 222 -7.10 -3.95 5.72
N VAL A 223 -7.68 -3.21 4.80
CA VAL A 223 -7.68 -3.55 3.38
C VAL A 223 -7.25 -2.31 2.56
N TYR A 224 -6.59 -2.55 1.42
CA TYR A 224 -6.21 -1.47 0.50
C TYR A 224 -7.47 -0.78 -0.07
N PRO A 225 -7.50 0.57 -0.13
CA PRO A 225 -6.43 1.52 0.20
C PRO A 225 -6.52 2.18 1.58
N ALA A 226 -7.60 1.97 2.34
CA ALA A 226 -7.72 2.61 3.67
C ALA A 226 -6.64 2.16 4.65
N ALA A 227 -6.11 0.97 4.44
CA ALA A 227 -5.00 0.45 5.22
C ALA A 227 -3.72 1.27 5.06
N MET A 228 -3.63 2.04 3.98
CA MET A 228 -2.52 2.97 3.79
C MET A 228 -2.59 4.18 4.72
N PHE A 229 -3.80 4.58 5.12
CA PHE A 229 -4.00 5.90 5.72
C PHE A 229 -4.49 5.89 7.17
N ALA A 230 -5.47 5.04 7.47
CA ALA A 230 -6.12 5.07 8.78
C ALA A 230 -5.21 4.68 9.95
N PRO A 231 -4.35 3.66 9.78
CA PRO A 231 -3.46 3.30 10.90
C PRO A 231 -2.57 4.43 11.44
N GLN A 232 -2.01 5.29 10.58
CA GLN A 232 -1.17 6.38 11.08
C GLN A 232 -1.95 7.50 11.75
N VAL A 233 -3.22 7.69 11.36
CA VAL A 233 -4.06 8.66 12.08
C VAL A 233 -4.42 8.12 13.46
N ALA A 234 -4.80 6.83 13.53
CA ALA A 234 -5.12 6.15 14.78
C ALA A 234 -3.94 6.10 15.76
N ALA A 235 -2.74 5.87 15.23
CA ALA A 235 -1.51 5.79 16.05
C ALA A 235 -1.14 7.15 16.65
N ARG A 236 -1.79 8.20 16.14
CA ARG A 236 -1.61 9.56 16.62
C ARG A 236 -2.66 9.92 17.68
N GLY A 237 -3.55 8.99 17.98
CA GLY A 237 -4.62 9.22 18.96
C GLY A 237 -5.87 9.91 18.41
N VAL A 238 -5.92 10.10 17.09
CA VAL A 238 -7.11 10.61 16.40
C VAL A 238 -8.13 9.48 16.23
N PRO A 239 -9.41 9.72 16.64
CA PRO A 239 -10.45 8.71 16.47
C PRO A 239 -10.67 8.33 15.01
N VAL A 240 -10.83 7.03 14.78
CA VAL A 240 -11.17 6.49 13.47
C VAL A 240 -12.52 5.83 13.58
N ALA A 241 -13.47 6.33 12.80
CA ALA A 241 -14.82 5.78 12.75
C ALA A 241 -15.03 5.03 11.45
N GLU A 242 -15.38 3.76 11.56
CA GLU A 242 -15.57 2.89 10.42
C GLU A 242 -17.06 2.63 10.17
N PHE A 243 -17.48 2.88 8.94
CA PHE A 243 -18.86 2.67 8.50
C PHE A 243 -18.86 1.67 7.35
N ASN A 244 -19.35 0.46 7.60
CA ASN A 244 -19.40 -0.60 6.57
C ASN A 244 -20.39 -1.73 6.91
N THR A 245 -20.51 -2.72 6.03
CA THR A 245 -21.53 -3.79 6.19
C THR A 245 -21.01 -5.08 6.84
N GLU A 246 -19.97 -4.94 7.66
CA GLU A 246 -19.22 -6.04 8.29
C GLU A 246 -18.13 -6.52 7.34
N ARG A 255 -11.68 2.27 16.95
CA ARG A 255 -12.30 3.11 17.96
C ARG A 255 -13.83 3.18 17.81
N PHE A 256 -14.31 3.44 16.60
CA PHE A 256 -15.74 3.35 16.28
C PHE A 256 -15.99 2.41 15.12
N HIS A 257 -17.06 1.61 15.24
CA HIS A 257 -17.54 0.80 14.12
C HIS A 257 -19.07 0.83 14.05
N PHE A 258 -19.57 1.29 12.91
CA PHE A 258 -21.00 1.43 12.67
C PHE A 258 -21.43 0.57 11.49
N GLN A 259 -22.24 -0.43 11.78
CA GLN A 259 -22.61 -1.47 10.83
C GLN A 259 -23.86 -1.11 10.03
N GLY A 260 -23.81 -1.41 8.72
CA GLY A 260 -24.93 -1.16 7.84
C GLY A 260 -24.53 -0.37 6.61
N PRO A 261 -25.46 -0.22 5.66
CA PRO A 261 -25.16 0.58 4.47
C PRO A 261 -24.85 2.02 4.85
N CYS A 262 -23.88 2.60 4.14
CA CYS A 262 -23.47 3.98 4.42
C CYS A 262 -24.61 4.96 4.16
N GLY A 263 -25.50 4.59 3.22
CA GLY A 263 -26.70 5.35 2.95
C GLY A 263 -27.66 5.41 4.12
N THR A 264 -27.51 4.47 5.05
CA THR A 264 -28.35 4.40 6.26
C THR A 264 -27.67 5.05 7.48
N THR A 265 -26.38 4.81 7.65
CA THR A 265 -25.64 5.31 8.82
C THR A 265 -25.13 6.75 8.70
N LEU A 266 -24.64 7.13 7.52
CA LEU A 266 -24.00 8.43 7.32
C LEU A 266 -24.94 9.65 7.42
N PRO A 267 -26.16 9.56 6.85
CA PRO A 267 -27.08 10.70 7.02
C PRO A 267 -27.24 11.11 8.49
N GLU A 268 -27.36 10.14 9.38
CA GLU A 268 -27.54 10.39 10.82
C GLU A 268 -26.24 10.84 11.49
N ALA A 269 -25.15 10.13 11.20
CA ALA A 269 -23.84 10.40 11.79
C ALA A 269 -23.29 11.78 11.39
N LEU A 270 -23.51 12.17 10.14
CA LEU A 270 -23.00 13.44 9.62
C LEU A 270 -24.02 14.59 9.67
N ALA A 271 -25.13 14.36 10.37
CA ALA A 271 -26.12 15.41 10.57
C ALA A 271 -25.55 16.56 11.38
N PRO B 5 -9.07 -13.39 22.93
CA PRO B 5 -7.76 -12.74 23.04
C PRO B 5 -6.79 -13.56 23.88
N SER B 6 -6.73 -14.87 23.60
CA SER B 6 -6.00 -15.84 24.42
C SER B 6 -4.55 -15.49 24.72
N SER B 7 -4.08 -15.92 25.89
CA SER B 7 -2.67 -15.77 26.29
C SER B 7 -2.12 -17.12 26.76
N SER B 8 -2.66 -18.19 26.19
CA SER B 8 -2.31 -19.56 26.58
C SER B 8 -1.33 -20.19 25.58
N MET B 9 -0.18 -20.61 26.09
CA MET B 9 0.83 -21.28 25.28
C MET B 9 0.46 -22.74 25.00
N ALA B 10 -0.27 -23.35 25.93
CA ALA B 10 -0.74 -24.73 25.81
C ALA B 10 -1.68 -24.92 24.62
N ASP B 11 -2.51 -23.92 24.36
CA ASP B 11 -3.44 -23.97 23.23
C ASP B 11 -2.77 -23.73 21.87
N PHE B 12 -1.71 -22.94 21.85
CA PHE B 12 -0.94 -22.69 20.62
C PHE B 12 -0.20 -23.94 20.13
N ARG B 13 0.48 -24.62 21.06
CA ARG B 13 1.28 -25.81 20.75
C ARG B 13 0.46 -26.93 20.09
N LYS B 14 -0.80 -27.04 20.52
CA LYS B 14 -1.75 -27.98 19.94
C LYS B 14 -1.93 -27.72 18.44
N PHE B 15 -2.05 -26.44 18.07
CA PHE B 15 -2.12 -26.06 16.66
C PHE B 15 -0.77 -26.22 15.96
N PHE B 16 0.31 -25.87 16.66
CA PHE B 16 1.67 -25.91 16.12
C PHE B 16 2.14 -27.32 15.73
N ALA B 17 1.87 -28.30 16.59
CA ALA B 17 2.36 -29.67 16.42
C ALA B 17 1.95 -30.35 15.11
N LYS B 18 0.79 -29.96 14.57
CA LYS B 18 0.23 -30.59 13.37
C LYS B 18 0.32 -29.73 12.11
N ALA B 19 0.62 -28.45 12.29
CA ALA B 19 0.57 -27.43 11.22
C ALA B 19 1.52 -27.69 10.04
N LYS B 20 0.96 -27.77 8.84
CA LYS B 20 1.74 -28.04 7.62
C LYS B 20 2.39 -26.79 7.02
N HIS B 21 1.66 -25.68 7.02
CA HIS B 21 2.09 -24.49 6.30
C HIS B 21 2.09 -23.29 7.25
N ILE B 22 3.26 -22.96 7.75
CA ILE B 22 3.40 -21.88 8.72
C ILE B 22 4.00 -20.65 8.06
N VAL B 23 3.26 -19.55 8.11
CA VAL B 23 3.76 -18.26 7.70
C VAL B 23 4.18 -17.51 8.95
N ILE B 24 5.38 -16.95 8.93
CA ILE B 24 5.84 -16.08 10.00
C ILE B 24 6.06 -14.67 9.45
N ILE B 25 5.19 -13.75 9.87
CA ILE B 25 5.37 -12.34 9.54
C ILE B 25 6.30 -11.74 10.57
N SER B 26 7.46 -11.26 10.11
CA SER B 26 8.50 -10.75 11.00
C SER B 26 8.61 -9.23 10.88
N GLY B 27 8.24 -8.54 11.97
CA GLY B 27 8.27 -7.08 12.02
C GLY B 27 9.56 -6.50 12.57
N ALA B 28 9.57 -5.19 12.78
CA ALA B 28 10.75 -4.43 13.18
C ALA B 28 11.24 -4.77 14.59
N GLY B 29 10.33 -5.26 15.43
CA GLY B 29 10.66 -5.67 16.80
C GLY B 29 11.69 -6.78 16.83
N VAL B 30 11.62 -7.68 15.85
CA VAL B 30 12.58 -8.78 15.69
C VAL B 30 13.99 -8.23 15.40
N SER B 31 14.06 -7.22 14.52
CA SER B 31 15.31 -6.51 14.24
C SER B 31 15.82 -5.69 15.42
N ALA B 32 14.90 -4.99 16.11
CA ALA B 32 15.27 -4.16 17.26
C ALA B 32 15.97 -4.95 18.38
N GLU B 33 15.57 -6.21 18.54
CA GLU B 33 16.14 -7.08 19.59
C GLU B 33 17.57 -7.50 19.28
N SER B 34 18.00 -7.26 18.03
CA SER B 34 19.41 -7.45 17.64
C SER B 34 20.16 -6.12 17.63
N GLY B 35 19.47 -5.03 17.95
CA GLY B 35 20.13 -3.73 18.03
C GLY B 35 20.14 -2.96 16.71
N VAL B 36 19.47 -3.51 15.70
CA VAL B 36 19.22 -2.79 14.45
C VAL B 36 18.44 -1.52 14.75
N PRO B 37 18.97 -0.35 14.36
CA PRO B 37 18.25 0.90 14.62
C PRO B 37 16.95 1.02 13.81
N THR B 38 15.90 1.49 14.48
CA THR B 38 14.61 1.70 13.84
C THR B 38 14.50 3.19 13.53
N PHE B 39 13.65 3.56 12.60
CA PHE B 39 13.60 4.95 12.17
C PHE B 39 12.19 5.55 12.12
N ARG B 40 11.35 5.03 13.00
CA ARG B 40 10.05 5.59 13.34
C ARG B 40 10.00 5.76 14.86
N GLY B 41 9.18 6.70 15.33
CA GLY B 41 9.01 6.92 16.75
C GLY B 41 10.06 7.84 17.32
N ALA B 42 9.92 8.15 18.61
CA ALA B 42 10.81 9.10 19.30
C ALA B 42 12.29 8.73 19.24
N GLY B 43 12.59 7.44 19.34
CA GLY B 43 13.96 6.97 19.28
C GLY B 43 14.40 6.58 17.89
N GLY B 44 13.64 7.00 16.88
CA GLY B 44 13.87 6.59 15.50
C GLY B 44 14.44 7.66 14.60
N TYR B 45 15.46 8.36 15.08
CA TYR B 45 16.04 9.47 14.33
C TYR B 45 17.46 9.16 13.85
N TRP B 46 17.75 9.63 12.63
CA TRP B 46 19.10 9.77 12.13
C TRP B 46 19.26 11.27 11.89
N ARG B 47 20.26 11.86 12.55
CA ARG B 47 20.43 13.32 12.61
C ARG B 47 19.08 13.99 12.92
N LYS B 48 18.58 14.83 12.01
CA LYS B 48 17.33 15.57 12.22
C LYS B 48 16.07 14.84 11.72
N TRP B 49 16.23 13.64 11.17
CA TRP B 49 15.13 13.01 10.43
C TRP B 49 14.79 11.57 10.81
N GLN B 50 13.55 11.20 10.50
CA GLN B 50 13.05 9.84 10.62
C GLN B 50 12.88 9.27 9.21
N ALA B 51 12.53 7.99 9.09
CA ALA B 51 12.39 7.34 7.78
C ALA B 51 11.41 8.05 6.83
N GLN B 52 10.32 8.58 7.39
CA GLN B 52 9.29 9.28 6.62
C GLN B 52 9.81 10.54 5.92
N ASP B 53 10.97 11.05 6.37
CA ASP B 53 11.62 12.21 5.75
C ASP B 53 12.62 11.83 4.66
N LEU B 54 13.28 10.68 4.85
CA LEU B 54 14.46 10.29 4.08
C LEU B 54 14.20 9.17 3.07
N ALA B 55 13.37 8.22 3.46
CA ALA B 55 13.04 7.07 2.63
C ALA B 55 11.87 7.41 1.72
N THR B 56 12.08 8.40 0.86
CA THR B 56 11.07 8.81 -0.12
C THR B 56 11.76 9.08 -1.46
N PRO B 57 11.03 8.89 -2.59
CA PRO B 57 11.51 9.30 -3.91
C PRO B 57 11.88 10.78 -3.99
N LEU B 58 11.08 11.63 -3.35
CA LEU B 58 11.29 13.08 -3.33
C LEU B 58 12.61 13.45 -2.68
N ALA B 59 12.87 12.88 -1.50
CA ALA B 59 14.10 13.14 -0.76
C ALA B 59 15.33 12.75 -1.57
N PHE B 60 15.27 11.58 -2.21
CA PHE B 60 16.35 11.09 -3.05
C PHE B 60 16.61 11.98 -4.26
N ALA B 61 15.54 12.48 -4.87
CA ALA B 61 15.65 13.43 -5.98
C ALA B 61 16.24 14.78 -5.56
N HIS B 62 15.91 15.21 -4.35
CA HIS B 62 16.33 16.53 -3.84
C HIS B 62 17.71 16.52 -3.17
N ASN B 63 18.06 15.41 -2.53
CA ASN B 63 19.33 15.30 -1.85
C ASN B 63 19.78 13.84 -1.80
N PRO B 64 20.23 13.30 -2.94
CA PRO B 64 20.68 11.90 -2.98
C PRO B 64 21.88 11.63 -2.07
N SER B 65 22.73 12.65 -1.84
CA SER B 65 23.86 12.49 -0.92
C SER B 65 23.41 12.24 0.51
N ARG B 66 22.42 13.01 0.98
CA ARG B 66 21.91 12.84 2.34
C ARG B 66 21.20 11.49 2.49
N VAL B 67 20.37 11.14 1.51
CA VAL B 67 19.68 9.84 1.51
C VAL B 67 20.68 8.67 1.49
N TRP B 68 21.71 8.77 0.65
CA TRP B 68 22.78 7.76 0.63
C TRP B 68 23.61 7.69 1.92
N GLU B 69 23.87 8.84 2.56
CA GLU B 69 24.53 8.88 3.87
C GLU B 69 23.79 8.06 4.93
N PHE B 70 22.47 8.24 4.96
CA PHE B 70 21.53 7.50 5.80
C PHE B 70 21.57 5.98 5.62
N TYR B 71 21.50 5.52 4.37
CA TYR B 71 21.56 4.09 4.11
C TYR B 71 22.95 3.54 4.28
N HIS B 72 23.96 4.37 3.98
CA HIS B 72 25.35 4.01 4.25
C HIS B 72 25.60 3.75 5.73
N TYR B 73 25.13 4.65 6.58
CA TYR B 73 25.13 4.43 8.03
C TYR B 73 24.51 3.09 8.41
N ARG B 74 23.32 2.82 7.88
CA ARG B 74 22.58 1.59 8.19
C ARG B 74 23.31 0.35 7.69
N ARG B 75 23.92 0.45 6.52
CA ARG B 75 24.78 -0.63 6.00
C ARG B 75 25.98 -0.89 6.90
N GLU B 76 26.57 0.18 7.44
CA GLU B 76 27.80 0.06 8.22
C GLU B 76 27.62 -0.46 9.66
N VAL B 77 26.50 -0.10 10.30
CA VAL B 77 26.20 -0.56 11.66
C VAL B 77 25.92 -2.07 11.77
N MET B 78 25.51 -2.68 10.65
CA MET B 78 25.20 -4.11 10.62
C MET B 78 26.38 -5.01 10.99
N GLY B 79 27.58 -4.49 10.81
CA GLY B 79 28.82 -5.21 11.11
C GLY B 79 28.98 -5.70 12.54
N SER B 80 28.28 -5.07 13.48
CA SER B 80 28.30 -5.52 14.87
C SER B 80 27.03 -6.27 15.28
N LYS B 81 26.08 -6.38 14.35
CA LYS B 81 24.80 -7.02 14.66
C LYS B 81 24.79 -8.51 14.29
N GLU B 82 24.13 -9.29 15.13
CA GLU B 82 23.97 -10.73 14.94
C GLU B 82 22.49 -11.07 15.02
N PRO B 83 22.05 -12.20 14.40
CA PRO B 83 20.69 -12.68 14.63
C PRO B 83 20.47 -13.05 16.10
N ASN B 84 19.29 -12.78 16.63
CA ASN B 84 18.99 -13.10 18.04
C ASN B 84 18.38 -14.51 18.18
N ALA B 85 17.98 -14.87 19.40
CA ALA B 85 17.36 -16.17 19.67
C ALA B 85 16.04 -16.39 18.90
N GLY B 86 15.38 -15.29 18.54
CA GLY B 86 14.16 -15.33 17.72
C GLY B 86 14.45 -15.74 16.29
N HIS B 87 15.40 -15.05 15.65
CA HIS B 87 15.87 -15.40 14.31
C HIS B 87 16.31 -16.87 14.25
N ARG B 88 17.13 -17.30 15.21
CA ARG B 88 17.64 -18.67 15.26
C ARG B 88 16.53 -19.72 15.39
N ALA B 89 15.61 -19.50 16.32
CA ALA B 89 14.47 -20.40 16.52
C ALA B 89 13.57 -20.50 15.27
N ILE B 90 13.35 -19.36 14.62
CA ILE B 90 12.63 -19.32 13.36
C ILE B 90 13.36 -20.15 12.29
N ALA B 91 14.67 -19.98 12.21
CA ALA B 91 15.50 -20.67 11.21
C ALA B 91 15.65 -22.17 11.48
N GLU B 92 15.74 -22.53 12.76
CA GLU B 92 15.83 -23.93 13.18
C GLU B 92 14.48 -24.64 12.98
N CYS B 93 13.39 -23.93 13.28
CA CYS B 93 12.04 -24.41 13.06
C CYS B 93 11.79 -24.76 11.58
N GLU B 94 12.33 -23.95 10.68
CA GLU B 94 12.19 -24.16 9.24
C GLU B 94 12.88 -25.44 8.75
N THR B 95 14.14 -25.59 9.13
CA THR B 95 14.94 -26.77 8.75
C THR B 95 14.39 -28.04 9.39
N ARG B 96 13.91 -27.92 10.63
CA ARG B 96 13.29 -29.03 11.37
C ARG B 96 11.99 -29.52 10.71
N LEU B 97 11.08 -28.59 10.39
CA LEU B 97 9.82 -28.96 9.74
C LEU B 97 10.02 -29.38 8.29
N GLY B 98 11.12 -28.95 7.69
CA GLY B 98 11.47 -29.34 6.33
C GLY B 98 11.63 -30.84 6.22
N LYS B 99 12.40 -31.43 7.13
CA LYS B 99 12.63 -32.87 7.18
C LYS B 99 11.43 -33.66 7.75
N GLN B 100 10.26 -33.00 7.78
CA GLN B 100 9.00 -33.60 8.23
C GLN B 100 7.88 -33.38 7.21
N GLY B 101 8.19 -32.70 6.10
CA GLY B 101 7.21 -32.41 5.05
C GLY B 101 6.32 -31.21 5.35
N ARG B 102 6.85 -30.25 6.09
CA ARG B 102 6.08 -29.10 6.55
C ARG B 102 6.77 -27.80 6.14
N ARG B 103 5.97 -26.75 5.92
CA ARG B 103 6.49 -25.46 5.44
C ARG B 103 6.54 -24.39 6.51
N VAL B 104 7.71 -23.78 6.64
CA VAL B 104 7.88 -22.53 7.37
C VAL B 104 8.36 -21.50 6.34
N VAL B 105 7.65 -20.38 6.24
CA VAL B 105 8.10 -19.27 5.41
C VAL B 105 8.11 -17.99 6.24
N VAL B 106 9.13 -17.15 6.03
CA VAL B 106 9.22 -15.87 6.72
C VAL B 106 8.95 -14.76 5.72
N ILE B 107 7.98 -13.92 6.05
CA ILE B 107 7.68 -12.72 5.25
C ILE B 107 8.05 -11.49 6.08
N THR B 108 8.90 -10.63 5.52
CA THR B 108 9.41 -9.51 6.31
C THR B 108 9.66 -8.27 5.49
N GLN B 109 9.50 -7.11 6.12
CA GLN B 109 9.87 -5.83 5.53
C GLN B 109 11.18 -5.35 6.12
N ASN B 110 11.78 -6.18 6.97
CA ASN B 110 13.12 -5.92 7.49
C ASN B 110 14.12 -6.05 6.35
N ILE B 111 15.09 -5.15 6.31
CA ILE B 111 16.02 -5.02 5.19
C ILE B 111 17.49 -5.26 5.59
N ASP B 112 17.65 -5.81 6.80
CA ASP B 112 18.96 -5.98 7.43
C ASP B 112 19.52 -7.40 7.27
N GLU B 113 18.71 -8.30 6.70
CA GLU B 113 19.16 -9.65 6.30
C GLU B 113 19.58 -10.60 7.44
N LEU B 114 19.19 -10.32 8.67
CA LEU B 114 19.56 -11.19 9.80
C LEU B 114 18.88 -12.56 9.75
N HIS B 115 17.69 -12.61 9.14
CA HIS B 115 16.98 -13.88 8.93
C HIS B 115 17.75 -14.84 8.03
N ARG B 116 18.37 -14.32 6.98
CA ARG B 116 19.17 -15.16 6.09
C ARG B 116 20.54 -15.50 6.66
N LYS B 117 21.12 -14.59 7.45
CA LYS B 117 22.31 -14.89 8.25
C LYS B 117 22.03 -16.04 9.24
N ALA B 118 20.82 -16.05 9.79
CA ALA B 118 20.42 -17.05 10.79
C ALA B 118 20.12 -18.42 10.18
N GLY B 119 19.94 -18.46 8.85
CA GLY B 119 19.78 -19.73 8.15
C GLY B 119 18.41 -19.95 7.53
N THR B 120 17.53 -18.96 7.67
CA THR B 120 16.24 -18.99 7.00
C THR B 120 16.43 -19.08 5.48
N LYS B 121 15.72 -20.01 4.85
CA LYS B 121 15.78 -20.17 3.41
C LYS B 121 14.50 -19.69 2.72
N ASN B 122 13.34 -20.10 3.25
CA ASN B 122 12.05 -19.62 2.73
C ASN B 122 11.80 -18.21 3.25
N LEU B 123 12.46 -17.25 2.63
CA LEU B 123 12.48 -15.89 3.11
C LEU B 123 11.94 -14.95 2.05
N LEU B 124 10.92 -14.19 2.41
CA LEU B 124 10.36 -13.17 1.55
C LEU B 124 10.71 -11.77 2.08
N GLU B 125 11.79 -11.21 1.55
CA GLU B 125 12.21 -9.85 1.89
C GLU B 125 11.48 -8.88 0.95
N ILE B 126 10.28 -8.50 1.35
CA ILE B 126 9.35 -7.80 0.45
C ILE B 126 9.67 -6.31 0.35
N HIS B 127 10.65 -5.86 1.15
CA HIS B 127 11.06 -4.46 1.16
C HIS B 127 12.48 -4.29 0.68
N GLY B 128 12.99 -5.31 0.00
CA GLY B 128 14.35 -5.29 -0.52
C GLY B 128 15.40 -5.49 0.56
N SER B 129 16.56 -4.87 0.36
CA SER B 129 17.70 -5.08 1.26
C SER B 129 18.61 -3.87 1.29
N LEU B 130 19.19 -3.60 2.46
CA LEU B 130 20.28 -2.63 2.58
C LEU B 130 21.45 -3.01 1.70
N PHE B 131 21.57 -4.31 1.42
CA PHE B 131 22.72 -4.85 0.72
C PHE B 131 22.39 -5.22 -0.72
N LYS B 132 21.49 -4.44 -1.30
CA LYS B 132 21.13 -4.50 -2.71
C LYS B 132 20.98 -3.09 -3.26
N THR B 133 21.38 -2.93 -4.53
CA THR B 133 21.26 -1.66 -5.23
C THR B 133 20.38 -1.81 -6.45
N ARG B 134 19.80 -0.69 -6.87
CA ARG B 134 19.02 -0.62 -8.10
C ARG B 134 19.47 0.58 -8.91
N CYS B 135 19.79 0.34 -10.18
CA CYS B 135 20.20 1.43 -11.06
C CYS B 135 18.97 2.19 -11.54
N THR B 136 19.01 3.51 -11.36
CA THR B 136 17.89 4.39 -11.71
C THR B 136 17.86 4.65 -13.21
N SER B 137 18.86 4.14 -13.91
CA SER B 137 18.98 4.28 -15.36
C SER B 137 18.61 2.97 -16.07
N CYS B 138 19.37 1.91 -15.79
CA CYS B 138 19.16 0.62 -16.44
C CYS B 138 18.28 -0.36 -15.65
N GLY B 139 17.96 -0.02 -14.39
CA GLY B 139 17.09 -0.85 -13.56
C GLY B 139 17.68 -2.14 -13.00
N VAL B 140 18.96 -2.40 -13.30
CA VAL B 140 19.62 -3.63 -12.84
C VAL B 140 19.68 -3.66 -11.31
N VAL B 141 19.35 -4.83 -10.74
CA VAL B 141 19.39 -5.04 -9.29
C VAL B 141 20.63 -5.85 -8.92
N ALA B 142 21.47 -5.28 -8.06
CA ALA B 142 22.74 -5.91 -7.70
C ALA B 142 22.90 -6.07 -6.20
N GLU B 143 23.50 -7.19 -5.80
CA GLU B 143 23.91 -7.39 -4.40
C GLU B 143 25.13 -6.50 -4.14
N ASN B 144 25.16 -5.83 -2.99
CA ASN B 144 26.27 -4.94 -2.65
C ASN B 144 26.52 -4.93 -1.15
N TYR B 145 27.61 -5.58 -0.73
CA TYR B 145 28.00 -5.62 0.68
C TYR B 145 29.31 -4.85 0.89
N LYS B 146 29.78 -4.18 -0.16
CA LYS B 146 31.05 -3.46 -0.15
C LYS B 146 31.03 -2.35 0.89
N SER B 147 32.06 -2.30 1.73
CA SER B 147 32.18 -1.29 2.78
C SER B 147 33.46 -0.48 2.61
N PRO B 148 33.32 0.81 2.26
CA PRO B 148 32.08 1.56 2.01
C PRO B 148 31.56 1.34 0.59
N ILE B 149 30.27 1.58 0.36
CA ILE B 149 29.65 1.33 -0.96
C ILE B 149 30.35 2.12 -2.09
N CYS B 150 30.81 3.33 -1.79
CA CYS B 150 31.68 4.07 -2.69
C CYS B 150 32.70 4.81 -1.83
N PRO B 151 33.86 5.14 -2.41
CA PRO B 151 34.94 5.82 -1.67
C PRO B 151 34.55 7.18 -1.09
N ALA B 152 33.62 7.88 -1.72
CA ALA B 152 33.19 9.20 -1.25
C ALA B 152 32.39 9.12 0.06
N LEU B 153 31.84 7.94 0.35
CA LEU B 153 31.12 7.71 1.61
C LEU B 153 32.00 7.20 2.76
N SER B 154 33.29 7.02 2.49
CA SER B 154 34.27 6.65 3.51
C SER B 154 34.23 7.61 4.71
N GLY B 155 33.82 7.09 5.86
CA GLY B 155 33.78 7.87 7.11
C GLY B 155 32.54 8.74 7.29
N LYS B 156 31.68 8.73 6.27
CA LYS B 156 30.49 9.57 6.27
C LYS B 156 29.31 8.83 6.91
N GLY B 157 28.16 9.50 6.96
CA GLY B 157 26.95 8.89 7.48
C GLY B 157 26.75 8.99 8.98
N ALA B 158 27.54 9.85 9.64
CA ALA B 158 27.42 10.06 11.10
C ALA B 158 25.99 10.40 11.53
N PRO B 159 25.49 9.75 12.60
CA PRO B 159 24.06 9.83 12.96
C PRO B 159 23.65 11.03 13.81
N GLU B 160 24.59 11.73 14.43
CA GLU B 160 24.22 12.85 15.30
C GLU B 160 23.91 14.12 14.51
N PRO B 161 22.92 14.91 14.98
CA PRO B 161 22.59 16.15 14.30
C PRO B 161 23.69 17.18 14.51
N GLY B 162 23.81 18.11 13.57
CA GLY B 162 24.93 19.05 13.55
C GLY B 162 26.03 18.52 12.67
N THR B 163 25.94 17.24 12.29
CA THR B 163 26.87 16.63 11.34
C THR B 163 26.65 17.27 9.98
N GLN B 164 27.69 17.93 9.49
CA GLN B 164 27.66 18.59 8.19
C GLN B 164 27.25 17.61 7.09
N ASP B 165 26.40 18.08 6.18
CA ASP B 165 26.04 17.35 4.98
C ASP B 165 27.30 17.01 4.20
N ALA B 166 27.42 15.76 3.79
CA ALA B 166 28.56 15.33 2.97
C ALA B 166 28.60 16.13 1.67
N SER B 167 27.42 16.43 1.13
CA SER B 167 27.26 17.15 -0.14
C SER B 167 28.09 16.55 -1.26
N ILE B 168 28.10 15.22 -1.33
CA ILE B 168 28.82 14.47 -2.35
C ILE B 168 28.09 14.67 -3.69
N PRO B 169 28.81 15.18 -4.71
CA PRO B 169 28.21 15.32 -6.04
C PRO B 169 27.73 13.96 -6.53
N VAL B 170 26.64 13.97 -7.29
CA VAL B 170 26.00 12.75 -7.77
C VAL B 170 26.93 11.81 -8.53
N GLU B 171 27.90 12.40 -9.24
CA GLU B 171 28.94 11.68 -9.98
C GLU B 171 29.81 10.81 -9.07
N LYS B 172 29.88 11.15 -7.79
CA LYS B 172 30.71 10.42 -6.82
C LYS B 172 29.90 9.57 -5.84
N LEU B 173 28.58 9.52 -6.04
CA LEU B 173 27.72 8.60 -5.29
C LEU B 173 27.81 7.21 -5.92
N PRO B 174 27.18 6.19 -5.32
CA PRO B 174 27.27 4.87 -5.97
C PRO B 174 26.78 4.87 -7.41
N ARG B 175 27.67 4.45 -8.32
CA ARG B 175 27.47 4.44 -9.77
C ARG B 175 27.30 3.02 -10.29
N CYS B 176 26.37 2.85 -11.23
CA CYS B 176 26.18 1.56 -11.89
C CYS B 176 27.46 1.16 -12.61
N GLU B 177 27.88 -0.08 -12.41
CA GLU B 177 29.10 -0.57 -13.05
C GLU B 177 28.83 -1.46 -14.27
N GLU B 178 27.58 -1.51 -14.71
CA GLU B 178 27.25 -2.15 -15.97
C GLU B 178 27.87 -1.34 -17.11
N ALA B 179 28.49 -2.05 -18.05
CA ALA B 179 29.24 -1.42 -19.14
C ALA B 179 28.41 -0.37 -19.88
N GLY B 180 28.94 0.85 -19.90
CA GLY B 180 28.32 1.96 -20.61
C GLY B 180 27.09 2.58 -19.97
N CYS B 181 26.75 2.16 -18.75
CA CYS B 181 25.62 2.77 -18.05
C CYS B 181 26.08 3.99 -17.26
N GLY B 182 26.76 3.73 -16.14
CA GLY B 182 27.25 4.78 -15.25
C GLY B 182 26.13 5.52 -14.54
N GLY B 183 24.92 4.94 -14.58
CA GLY B 183 23.73 5.52 -13.95
C GLY B 183 23.82 5.61 -12.44
N LEU B 184 22.97 6.44 -11.85
CA LEU B 184 22.95 6.61 -10.40
C LEU B 184 22.23 5.45 -9.71
N LEU B 185 22.91 4.82 -8.76
CA LEU B 185 22.27 3.75 -7.98
C LEU B 185 21.47 4.31 -6.80
N ARG B 186 20.38 3.63 -6.47
CA ARG B 186 19.63 3.85 -5.24
C ARG B 186 19.65 2.53 -4.44
N PRO B 187 19.40 2.60 -3.12
CA PRO B 187 19.24 1.33 -2.42
C PRO B 187 17.99 0.62 -2.95
N HIS B 188 18.09 -0.69 -3.16
CA HIS B 188 16.98 -1.48 -3.67
C HIS B 188 16.07 -1.81 -2.48
N VAL B 189 15.37 -0.78 -2.00
CA VAL B 189 14.53 -0.82 -0.81
C VAL B 189 13.23 -0.08 -1.15
N VAL B 190 12.09 -0.55 -0.63
CA VAL B 190 10.81 0.12 -0.87
C VAL B 190 10.69 1.40 -0.03
N TRP B 191 10.38 2.51 -0.69
CA TRP B 191 10.26 3.79 -0.01
C TRP B 191 8.81 4.17 0.27
N PHE B 192 8.64 5.13 1.18
CA PHE B 192 7.34 5.72 1.41
C PHE B 192 6.83 6.26 0.07
N GLY B 193 5.58 5.96 -0.26
CA GLY B 193 4.97 6.42 -1.50
C GLY B 193 5.22 5.50 -2.69
N GLU B 194 5.79 4.32 -2.42
CA GLU B 194 6.09 3.35 -3.46
C GLU B 194 5.38 2.04 -3.19
N ASN B 195 4.91 1.41 -4.26
CA ASN B 195 4.28 0.10 -4.19
C ASN B 195 5.34 -1.02 -4.12
N LEU B 196 4.94 -2.19 -3.66
CA LEU B 196 5.79 -3.38 -3.73
C LEU B 196 5.91 -3.85 -5.17
N ASP B 197 6.95 -4.64 -5.46
CA ASP B 197 7.03 -5.35 -6.74
C ASP B 197 5.74 -6.18 -6.91
N PRO B 198 5.13 -6.13 -8.12
CA PRO B 198 3.84 -6.81 -8.33
C PRO B 198 3.89 -8.31 -8.04
N ALA B 199 4.98 -8.95 -8.44
CA ALA B 199 5.16 -10.39 -8.26
C ALA B 199 5.37 -10.74 -6.79
N ILE B 200 6.01 -9.84 -6.06
CA ILE B 200 6.31 -10.04 -4.64
C ILE B 200 5.02 -10.22 -3.83
N LEU B 201 4.06 -9.32 -4.04
CA LEU B 201 2.81 -9.34 -3.28
C LEU B 201 1.89 -10.48 -3.69
N GLU B 202 1.96 -10.85 -4.96
CA GLU B 202 1.26 -12.02 -5.51
C GLU B 202 1.76 -13.32 -4.85
N GLU B 203 3.04 -13.33 -4.51
CA GLU B 203 3.67 -14.47 -3.82
C GLU B 203 3.33 -14.49 -2.31
N VAL B 204 3.30 -13.32 -1.70
CA VAL B 204 2.82 -13.17 -0.32
C VAL B 204 1.40 -13.72 -0.19
N ASP B 205 0.52 -13.30 -1.09
CA ASP B 205 -0.89 -13.71 -1.07
C ASP B 205 -1.05 -15.21 -1.18
N ARG B 206 -0.24 -15.83 -2.02
CA ARG B 206 -0.19 -17.27 -2.20
C ARG B 206 0.13 -18.01 -0.90
N GLU B 207 1.16 -17.55 -0.20
CA GLU B 207 1.52 -18.11 1.11
C GLU B 207 0.41 -17.88 2.12
N LEU B 208 -0.15 -16.68 2.15
CA LEU B 208 -1.25 -16.36 3.06
C LEU B 208 -2.52 -17.20 2.84
N ALA B 209 -2.81 -17.50 1.57
CA ALA B 209 -4.02 -18.24 1.22
C ALA B 209 -3.93 -19.74 1.51
N HIS B 210 -2.71 -20.25 1.63
CA HIS B 210 -2.49 -21.70 1.80
C HIS B 210 -2.01 -22.11 3.19
N CYS B 211 -1.74 -21.13 4.05
CA CYS B 211 -1.19 -21.43 5.37
C CYS B 211 -2.23 -21.94 6.38
N ASP B 212 -1.77 -22.81 7.28
CA ASP B 212 -2.62 -23.44 8.31
C ASP B 212 -2.54 -22.69 9.63
N LEU B 213 -1.48 -21.87 9.77
CA LEU B 213 -1.19 -21.15 11.01
C LEU B 213 -0.30 -19.96 10.70
N CYS B 214 -0.61 -18.83 11.30
CA CYS B 214 0.16 -17.61 11.09
C CYS B 214 0.76 -17.11 12.39
N LEU B 215 2.04 -16.75 12.31
CA LEU B 215 2.72 -16.08 13.40
C LEU B 215 2.99 -14.66 12.96
N VAL B 216 2.76 -13.72 13.88
CA VAL B 216 3.02 -12.31 13.62
C VAL B 216 3.84 -11.77 14.80
N VAL B 217 5.10 -11.44 14.53
CA VAL B 217 6.05 -11.17 15.60
C VAL B 217 6.75 -9.80 15.50
N GLY B 218 6.57 -9.01 16.55
CA GLY B 218 7.17 -7.67 16.67
C GLY B 218 6.74 -6.70 15.58
N THR B 219 5.47 -6.75 15.16
CA THR B 219 4.98 -5.91 14.06
C THR B 219 4.05 -4.81 14.56
N SER B 220 4.37 -3.56 14.21
CA SER B 220 3.53 -2.42 14.60
C SER B 220 2.26 -2.28 13.74
N SER B 221 1.37 -1.39 14.18
CA SER B 221 0.11 -1.17 13.49
C SER B 221 0.28 -0.32 12.23
N VAL B 222 1.43 0.34 12.10
CA VAL B 222 1.69 1.28 11.00
C VAL B 222 2.67 0.76 9.95
N VAL B 223 3.23 -0.44 10.17
CA VAL B 223 4.06 -1.08 9.16
C VAL B 223 3.14 -1.51 8.00
N TYR B 224 3.56 -1.19 6.77
CA TYR B 224 2.69 -1.35 5.62
C TYR B 224 3.47 -1.89 4.41
N PRO B 225 2.89 -2.88 3.67
CA PRO B 225 1.56 -3.51 3.83
C PRO B 225 1.45 -4.64 4.86
N ALA B 226 2.55 -4.95 5.54
CA ALA B 226 2.65 -6.14 6.41
C ALA B 226 1.55 -6.28 7.47
N ALA B 227 0.98 -5.15 7.89
CA ALA B 227 -0.06 -5.13 8.89
C ALA B 227 -1.39 -5.70 8.38
N MET B 228 -1.55 -5.79 7.06
CA MET B 228 -2.75 -6.35 6.44
C MET B 228 -2.73 -7.87 6.37
N PHE B 229 -1.56 -8.47 6.56
CA PHE B 229 -1.38 -9.89 6.23
C PHE B 229 -2.08 -10.83 7.21
N ALA B 230 -1.86 -10.62 8.51
CA ALA B 230 -2.50 -11.45 9.54
C ALA B 230 -4.03 -11.32 9.58
N PRO B 231 -4.57 -10.08 9.51
CA PRO B 231 -6.02 -9.87 9.36
C PRO B 231 -6.70 -10.75 8.31
N GLN B 232 -6.11 -10.88 7.13
CA GLN B 232 -6.75 -11.69 6.08
C GLN B 232 -6.59 -13.20 6.30
N VAL B 233 -5.54 -13.60 7.03
CA VAL B 233 -5.39 -14.99 7.45
C VAL B 233 -6.47 -15.36 8.49
N ALA B 234 -6.69 -14.45 9.46
CA ALA B 234 -7.71 -14.66 10.50
C ALA B 234 -9.12 -14.73 9.90
N ALA B 235 -9.37 -13.88 8.90
CA ALA B 235 -10.64 -13.87 8.17
C ALA B 235 -10.99 -15.22 7.56
N ARG B 236 -9.95 -16.05 7.32
CA ARG B 236 -10.11 -17.40 6.79
C ARG B 236 -10.54 -18.39 7.87
N GLY B 237 -10.28 -18.04 9.14
CA GLY B 237 -10.60 -18.91 10.27
C GLY B 237 -9.34 -19.56 10.78
N VAL B 238 -8.24 -19.25 10.12
CA VAL B 238 -6.91 -19.76 10.44
C VAL B 238 -6.36 -19.01 11.66
N PRO B 239 -5.78 -19.74 12.63
CA PRO B 239 -5.28 -19.10 13.85
C PRO B 239 -4.10 -18.17 13.60
N VAL B 240 -4.16 -16.99 14.21
CA VAL B 240 -3.06 -16.03 14.16
C VAL B 240 -2.57 -15.80 15.59
N ALA B 241 -1.28 -16.04 15.80
CA ALA B 241 -0.67 -15.86 17.11
C ALA B 241 0.24 -14.64 17.09
N GLU B 242 -0.09 -13.67 17.93
CA GLU B 242 0.65 -12.42 18.02
C GLU B 242 1.75 -12.53 19.09
N PHE B 243 2.97 -12.18 18.68
CA PHE B 243 4.13 -12.16 19.58
C PHE B 243 4.65 -10.73 19.66
N ASN B 244 4.19 -9.99 20.66
CA ASN B 244 4.57 -8.57 20.74
C ASN B 244 5.63 -8.24 21.79
N THR B 245 6.41 -7.19 21.50
CA THR B 245 7.44 -6.72 22.41
C THR B 245 6.84 -5.83 23.50
N ARG B 255 -6.92 -17.48 18.40
CA ARG B 255 -6.09 -16.39 18.45
C ARG B 255 -5.31 -16.19 19.76
N PHE B 256 -4.03 -15.82 19.61
CA PHE B 256 -3.12 -15.83 20.75
C PHE B 256 -2.31 -14.53 20.86
N HIS B 257 -2.00 -14.16 22.09
CA HIS B 257 -1.07 -13.08 22.34
C HIS B 257 -0.01 -13.54 23.34
N PHE B 258 1.25 -13.43 22.95
CA PHE B 258 2.37 -13.79 23.81
C PHE B 258 3.31 -12.60 23.97
N GLN B 259 3.45 -12.16 25.21
CA GLN B 259 4.17 -10.93 25.51
C GLN B 259 5.62 -11.20 25.90
N GLY B 260 6.49 -10.27 25.55
CA GLY B 260 7.91 -10.39 25.86
C GLY B 260 8.79 -10.45 24.62
N PRO B 261 10.12 -10.37 24.80
CA PRO B 261 11.07 -10.46 23.70
C PRO B 261 10.85 -11.74 22.89
N CYS B 262 10.88 -11.63 21.56
CA CYS B 262 10.67 -12.78 20.69
C CYS B 262 11.77 -13.84 20.86
N GLY B 263 12.94 -13.39 21.29
CA GLY B 263 14.03 -14.30 21.64
C GLY B 263 13.76 -15.07 22.93
N THR B 264 12.75 -14.63 23.69
CA THR B 264 12.40 -15.27 24.95
C THR B 264 11.19 -16.20 24.78
N THR B 265 10.23 -15.78 23.95
CA THR B 265 8.98 -16.53 23.75
C THR B 265 9.03 -17.53 22.60
N LEU B 266 9.65 -17.14 21.49
CA LEU B 266 9.68 -17.99 20.28
C LEU B 266 10.42 -19.32 20.37
N PRO B 267 11.57 -19.40 21.10
CA PRO B 267 12.23 -20.69 21.24
C PRO B 267 11.31 -21.74 21.87
N GLU B 268 10.62 -21.36 22.94
CA GLU B 268 9.67 -22.24 23.63
C GLU B 268 8.39 -22.50 22.83
N ALA B 269 7.97 -21.52 22.04
CA ALA B 269 6.77 -21.64 21.20
C ALA B 269 6.99 -22.51 19.98
N LEU B 270 8.19 -22.42 19.40
CA LEU B 270 8.56 -23.23 18.25
C LEU B 270 9.44 -24.43 18.63
N ALA B 271 9.38 -24.81 19.91
CA ALA B 271 10.10 -25.98 20.41
C ALA B 271 9.42 -27.27 19.97
ZN ZN C . -1.93 14.56 -26.97
O35 SVR D . 12.98 1.43 9.96
S31 SVR D . 11.57 1.05 10.14
O36 SVR D . 10.96 1.79 11.24
O34 SVR D . 11.47 -0.42 10.40
C22 SVR D . 10.77 1.36 8.79
C18 SVR D . 9.38 1.35 8.75
C11 SVR D . 8.67 1.68 7.59
S17 SVR D . 7.08 1.48 7.82
O23 SVR D . 6.78 1.35 9.26
O24 SVR D . 6.39 2.65 7.26
O25 SVR D . 6.69 0.26 7.10
C16 SVR D . 11.46 1.66 7.63
C10 SVR D . 10.80 1.96 6.43
C15 SVR D . 11.60 2.28 5.32
S21 SVR D . 13.23 2.20 5.30
O28 SVR D . 13.74 3.35 6.09
O29 SVR D . 13.66 0.94 5.84
O30 SVR D . 13.63 2.36 3.88
C12 SVR D . 10.99 2.55 4.12
C7 SVR D . 9.61 2.56 4.03
C6 SVR D . 9.37 1.96 6.38
C3 SVR D . 8.79 2.24 5.11
N1 SVR D . 7.41 2.38 4.79
C2 SVR D . 6.77 2.05 3.67
O4 SVR D . 7.29 1.43 2.76
C5 SVR D . 5.34 2.46 3.54
C8 SVR D . 4.73 2.35 2.29
C9 SVR D . 4.62 3.02 4.60
C14 SVR D . 3.29 3.41 4.41
C20 SVR D . 2.68 3.28 3.17
C27 SVR D . 1.24 3.72 3.01
C13 SVR D . 3.40 2.75 2.09
N19 SVR D . 2.86 2.56 0.82
C26 SVR D . 2.62 3.57 -0.03
O32 SVR D . 2.84 4.73 0.26
C33 SVR D . 2.05 3.25 -1.38
C37 SVR D . 1.43 2.03 -1.60
C38 SVR D . 2.15 4.18 -2.41
C40 SVR D . 1.63 3.91 -3.66
C42 SVR D . 1.00 2.68 -3.89
C39 SVR D . 0.91 1.74 -2.86
N41 SVR D . 0.26 0.54 -3.16
C43 SVR D . -0.22 -0.42 -2.37
O45 SVR D . -0.11 -0.42 -1.16
N44 SVR D . -0.79 -1.40 -3.07
C46 SVR D . -1.41 -2.56 -2.62
C47 SVR D . -2.47 -2.94 -3.41
C48 SVR D . -1.07 -3.33 -1.50
C50 SVR D . -1.83 -4.48 -1.21
C52 SVR D . -2.91 -4.86 -2.02
C49 SVR D . -3.23 -4.06 -3.12
C51 SVR D . -4.33 -4.35 -4.09
O54 SVR D . -4.21 -3.90 -5.23
N53 SVR D . -5.39 -5.08 -3.78
C55 SVR D . -6.29 -5.27 -4.85
C56 SVR D . -7.28 -4.33 -5.11
C57 SVR D . -6.18 -6.42 -5.65
C59 SVR D . -5.10 -7.44 -5.40
C60 SVR D . -7.07 -6.62 -6.70
C62 SVR D . -8.06 -5.68 -6.95
C58 SVR D . -8.16 -4.53 -6.16
C61 SVR D . -9.24 -3.52 -6.42
O64 SVR D . -9.30 -2.53 -5.70
N63 SVR D . -10.08 -3.76 -7.44
C65 SVR D . -11.16 -2.94 -7.80
C67 SVR D . -12.09 -2.74 -6.79
C70 SVR D . -13.21 -1.96 -6.99
C71 SVR D . -13.44 -1.35 -8.21
S75 SVR D . -14.84 -0.53 -8.31
O80 SVR D . -15.53 -0.66 -6.97
O81 SVR D . -14.54 0.87 -8.55
O82 SVR D . -15.66 -1.11 -9.35
C66 SVR D . -11.35 -2.35 -9.08
C68 SVR D . -12.53 -1.56 -9.26
C72 SVR D . -12.78 -0.95 -10.49
C69 SVR D . -10.46 -2.49 -10.19
S73 SVR D . -9.08 -3.38 -10.31
O77 SVR D . -8.57 -3.22 -11.66
O78 SVR D . -9.35 -4.74 -9.97
O79 SVR D . -8.07 -2.79 -9.33
C74 SVR D . -10.77 -1.86 -11.40
C76 SVR D . -11.93 -1.12 -11.57
S83 SVR D . -12.25 -0.35 -12.96
O85 SVR D . -13.25 0.70 -12.76
O86 SVR D . -10.96 0.27 -13.40
O84 SVR D . -12.67 -1.35 -13.94
ZN ZN E . 22.83 0.91 -14.81
#